data_4EJN
#
_entry.id   4EJN
#
_cell.length_a   44.508
_cell.length_b   88.214
_cell.length_c   126.936
_cell.angle_alpha   90.00
_cell.angle_beta   90.00
_cell.angle_gamma   90.00
#
_symmetry.space_group_name_H-M   'P 21 21 21'
#
loop_
_entity.id
_entity.type
_entity.pdbx_description
1 polymer 'RAC-alpha serine/threonine-protein kinase'
2 non-polymer N-(4-{5-[3-(acetylamino)phenyl]-2-(2-aminopyridin-3-yl)-3H-imidazo[4,5-b]pyridin-3-yl}benzyl)-3-fluorobenzamide
3 non-polymer 2-BUTANOL
4 non-polymer 1,2-ETHANEDIOL
5 water water
#
_entity_poly.entity_id   1
_entity_poly.type   'polypeptide(L)'
_entity_poly.pdbx_seq_one_letter_code
;GSDVAIVKEGWLHKRGEYIKTWRPRYFLLKNDGTFIGYKERPQDVDQREAPLNNFSVAQCQLMKTERPRPNTFIIRCLQW
TTVIERTFHVETPEEREEWTTAIQTVADGLKKQAAAEMDFRSGSPSDNSGAEEMEVSLAKPKHRVTMNEFEYLKLLGKGT
FGKVILVKEKATGRYYAMKILKKEVIVAKDEVAHTLTENRVLQNSRHPFLTALKYSFQTHDRLCFVMEYANGGELFFHLS
RERVFSEDRARFYGAEIVSALDYLHSEKNVVYRDLKLENLMLDKDGHIKITDFGLCKEGIKDGATMKTFCGTPEYLAPEV
LEDNDYGRAVDWWGLGVVMYEMMCGRLPFYNQDHEKLFELILMEEIRFPRTLGPEAKSLLSGLLKKDPKQRLGGGSEDAK
EIMQHRFFAGIVWQHVYEKKLSPPFKPQVTSETDTRYFDEEFTAQM
;
_entity_poly.pdbx_strand_id   A
#
loop_
_chem_comp.id
_chem_comp.type
_chem_comp.name
_chem_comp.formula
0R4 non-polymer N-(4-{5-[3-(acetylamino)phenyl]-2-(2-aminopyridin-3-yl)-3H-imidazo[4,5-b]pyridin-3-yl}benzyl)-3-fluorobenzamide 'C33 H26 F N7 O2'
EDO non-polymer 1,2-ETHANEDIOL 'C2 H6 O2'
SBT non-polymer 2-BUTANOL 'C4 H10 O'
#
# COMPACT_ATOMS: atom_id res chain seq x y z
N VAL A 4 1.32 -6.28 24.37
CA VAL A 4 1.58 -7.04 25.64
C VAL A 4 0.57 -8.17 25.83
N ALA A 5 -0.65 -7.81 26.23
CA ALA A 5 -1.65 -8.81 26.67
C ALA A 5 -2.85 -8.98 25.75
N ILE A 6 -3.28 -10.23 25.57
CA ILE A 6 -4.50 -10.58 24.84
C ILE A 6 -5.73 -10.21 25.68
N VAL A 7 -6.69 -9.56 25.05
CA VAL A 7 -7.94 -9.17 25.72
C VAL A 7 -9.08 -10.10 25.32
N LYS A 8 -9.12 -10.48 24.05
CA LYS A 8 -10.10 -11.42 23.51
C LYS A 8 -9.46 -12.33 22.47
N GLU A 9 -9.88 -13.59 22.48
CA GLU A 9 -9.45 -14.57 21.47
C GLU A 9 -10.58 -15.53 21.12
N GLY A 10 -10.54 -16.08 19.92
CA GLY A 10 -11.58 -16.98 19.43
C GLY A 10 -11.79 -16.92 17.93
N TRP A 11 -12.54 -17.89 17.41
CA TRP A 11 -12.83 -17.98 15.98
C TRP A 11 -13.81 -16.92 15.51
N LEU A 12 -13.58 -16.45 14.28
CA LEU A 12 -14.48 -15.52 13.59
C LEU A 12 -14.51 -15.87 12.13
N HIS A 13 -15.69 -15.73 11.52
CA HIS A 13 -15.80 -15.82 10.06
C HIS A 13 -15.42 -14.47 9.46
N LYS A 14 -14.43 -14.49 8.58
CA LYS A 14 -13.93 -13.29 7.92
C LYS A 14 -14.25 -13.39 6.45
N ARG A 15 -14.81 -12.32 5.89
CA ARG A 15 -15.07 -12.24 4.45
C ARG A 15 -13.75 -12.23 3.68
N GLY A 16 -13.55 -13.26 2.85
CA GLY A 16 -12.32 -13.44 2.09
C GLY A 16 -12.30 -12.62 0.82
N GLU A 17 -11.35 -11.69 0.77
CA GLU A 17 -11.34 -10.61 -0.23
C GLU A 17 -11.09 -11.05 -1.68
N TYR A 18 -10.11 -11.94 -1.89
CA TYR A 18 -9.68 -12.27 -3.24
C TYR A 18 -10.23 -13.58 -3.76
N ILE A 19 -10.22 -14.60 -2.90
CA ILE A 19 -10.85 -15.88 -3.23
C ILE A 19 -12.14 -15.96 -2.40
N LYS A 20 -13.21 -15.36 -2.95
CA LYS A 20 -14.50 -15.14 -2.29
C LYS A 20 -14.99 -16.29 -1.39
N THR A 21 -14.94 -16.06 -0.08
CA THR A 21 -15.33 -17.07 0.92
C THR A 21 -15.62 -16.38 2.25
N TRP A 22 -16.35 -17.07 3.12
CA TRP A 22 -16.35 -16.79 4.55
C TRP A 22 -15.51 -17.89 5.20
N ARG A 23 -14.21 -17.59 5.36
CA ARG A 23 -13.26 -18.52 5.96
C ARG A 23 -13.10 -18.24 7.45
N PRO A 24 -13.17 -19.28 8.29
CA PRO A 24 -12.92 -19.15 9.73
C PRO A 24 -11.46 -18.79 10.02
N ARG A 25 -11.25 -17.72 10.79
CA ARG A 25 -9.91 -17.33 11.22
C ARG A 25 -9.89 -17.24 12.73
N TYR A 26 -8.79 -17.68 13.32
CA TYR A 26 -8.60 -17.54 14.76
C TYR A 26 -7.96 -16.18 15.04
N PHE A 27 -8.71 -15.32 15.71
CA PHE A 27 -8.32 -13.93 15.92
C PHE A 27 -7.85 -13.65 17.34
N LEU A 28 -6.87 -12.76 17.47
CA LEU A 28 -6.44 -12.23 18.77
C LEU A 28 -6.58 -10.72 18.80
N LEU A 29 -7.41 -10.24 19.72
CA LEU A 29 -7.46 -8.82 20.06
C LEU A 29 -6.50 -8.59 21.23
N LYS A 30 -5.64 -7.58 21.08
CA LYS A 30 -4.63 -7.29 22.10
C LYS A 30 -4.76 -5.87 22.66
N ASN A 31 -4.18 -5.68 23.85
CA ASN A 31 -4.23 -4.44 24.59
C ASN A 31 -3.58 -3.25 23.86
N ASP A 32 -2.78 -3.54 22.83
CA ASP A 32 -2.17 -2.48 22.02
C ASP A 32 -3.11 -1.96 20.92
N GLY A 33 -4.11 -2.76 20.56
CA GLY A 33 -5.06 -2.41 19.49
C GLY A 33 -5.02 -3.43 18.37
N THR A 34 -3.97 -4.25 18.39
CA THR A 34 -3.76 -5.31 17.42
C THR A 34 -4.95 -6.28 17.36
N PHE A 35 -5.35 -6.63 16.13
CA PHE A 35 -6.46 -7.55 15.87
C PHE A 35 -6.10 -8.39 14.64
N ILE A 36 -5.46 -9.55 14.86
CA ILE A 36 -5.00 -10.40 13.74
C ILE A 36 -5.69 -11.76 13.71
N GLY A 37 -5.94 -12.27 12.50
CA GLY A 37 -6.55 -13.57 12.30
C GLY A 37 -5.65 -14.57 11.59
N TYR A 38 -5.32 -15.64 12.31
CA TYR A 38 -4.42 -16.67 11.78
C TYR A 38 -5.23 -17.83 11.18
N LYS A 39 -4.61 -18.59 10.27
CA LYS A 39 -5.25 -19.75 9.65
C LYS A 39 -5.63 -20.80 10.70
N GLU A 40 -4.73 -21.02 11.67
CA GLU A 40 -4.97 -21.89 12.82
C GLU A 40 -4.72 -21.06 14.08
N ARG A 41 -5.23 -21.54 15.22
CA ARG A 41 -4.89 -20.94 16.52
C ARG A 41 -3.37 -20.89 16.65
N PRO A 42 -2.80 -19.67 16.82
CA PRO A 42 -1.34 -19.48 16.71
C PRO A 42 -0.55 -20.08 17.88
N ALA A 50 6.82 -7.71 15.18
CA ALA A 50 6.46 -6.40 15.72
C ALA A 50 5.12 -5.95 15.14
N PRO A 51 4.23 -5.40 15.99
CA PRO A 51 2.87 -5.00 15.58
C PRO A 51 2.81 -3.99 14.42
N LEU A 52 1.66 -3.93 13.75
CA LEU A 52 1.42 -3.00 12.65
C LEU A 52 0.12 -2.23 12.87
N ASN A 53 0.17 -0.91 12.66
CA ASN A 53 -0.98 -0.03 12.87
C ASN A 53 -2.12 -0.33 11.88
N ASN A 54 -1.78 -0.97 10.77
CA ASN A 54 -2.73 -1.39 9.75
C ASN A 54 -3.81 -2.32 10.29
N PHE A 55 -3.46 -3.07 11.32
CA PHE A 55 -4.35 -4.08 11.89
C PHE A 55 -4.86 -3.67 13.24
N SER A 56 -4.64 -2.40 13.58
CA SER A 56 -5.12 -1.85 14.84
C SER A 56 -6.58 -1.40 14.74
N VAL A 57 -7.25 -1.36 15.90
CA VAL A 57 -8.62 -0.89 15.98
C VAL A 57 -8.69 0.50 16.61
N ALA A 58 -7.53 1.02 17.00
CA ALA A 58 -7.43 2.39 17.51
C ALA A 58 -8.00 3.36 16.50
N GLN A 59 -8.96 4.16 16.97
CA GLN A 59 -9.62 5.21 16.18
C GLN A 59 -10.57 4.68 15.10
N CYS A 60 -10.87 3.38 15.11
CA CYS A 60 -11.78 2.79 14.11
C CYS A 60 -13.26 2.89 14.48
N GLN A 61 -14.10 2.71 13.48
CA GLN A 61 -15.55 2.77 13.64
C GLN A 61 -16.16 1.37 13.46
N LEU A 62 -16.99 0.99 14.44
CA LEU A 62 -17.55 -0.34 14.54
C LEU A 62 -19.04 -0.31 14.17
N MET A 63 -19.47 -1.21 13.29
CA MET A 63 -20.85 -1.18 12.79
C MET A 63 -21.52 -2.55 12.73
N LYS A 64 -22.75 -2.61 13.25
CA LYS A 64 -23.53 -3.85 13.26
C LYS A 64 -24.47 -3.87 12.05
N THR A 65 -24.47 -4.99 11.34
CA THR A 65 -25.38 -5.18 10.22
C THR A 65 -25.89 -6.62 10.12
N GLU A 66 -27.00 -6.80 9.41
CA GLU A 66 -27.62 -8.10 9.21
C GLU A 66 -27.57 -8.53 7.73
N ARG A 67 -27.01 -7.67 6.90
CA ARG A 67 -26.83 -7.98 5.49
C ARG A 67 -25.33 -7.99 5.17
N PRO A 68 -24.87 -9.00 4.39
CA PRO A 68 -25.67 -10.05 3.76
C PRO A 68 -26.06 -11.19 4.71
N ARG A 69 -25.25 -11.43 5.75
CA ARG A 69 -25.49 -12.49 6.70
C ARG A 69 -25.87 -11.91 8.06
N PRO A 70 -26.72 -12.62 8.83
CA PRO A 70 -27.03 -12.18 10.19
C PRO A 70 -25.81 -12.15 11.10
N ASN A 71 -25.84 -11.30 12.13
CA ASN A 71 -24.76 -11.17 13.11
C ASN A 71 -23.40 -10.73 12.55
N THR A 72 -23.44 -9.94 11.48
CA THR A 72 -22.25 -9.38 10.84
C THR A 72 -21.78 -8.11 11.55
N PHE A 73 -20.46 -7.90 11.58
CA PHE A 73 -19.93 -6.60 11.97
C PHE A 73 -18.76 -6.10 11.11
N ILE A 74 -18.57 -4.79 11.09
CA ILE A 74 -17.55 -4.16 10.25
C ILE A 74 -16.66 -3.23 11.06
N ILE A 75 -15.36 -3.43 10.94
CA ILE A 75 -14.37 -2.50 11.48
C ILE A 75 -13.86 -1.57 10.35
N ARG A 76 -14.29 -0.32 10.40
CA ARG A 76 -13.91 0.67 9.38
C ARG A 76 -12.94 1.68 9.93
N CYS A 77 -11.78 1.77 9.29
CA CYS A 77 -10.73 2.63 9.78
C CYS A 77 -10.31 3.66 8.73
N LEU A 78 -10.07 4.89 9.18
CA LEU A 78 -9.38 5.88 8.38
C LEU A 78 -7.90 5.78 8.71
N GLN A 79 -7.12 5.24 7.79
CA GLN A 79 -5.70 5.05 8.00
C GLN A 79 -4.95 6.06 7.17
N TRP A 80 -4.46 7.11 7.84
CA TRP A 80 -3.78 8.23 7.19
C TRP A 80 -4.80 8.90 6.26
N THR A 81 -4.75 8.65 4.96
CA THR A 81 -5.78 9.22 4.06
C THR A 81 -6.64 8.20 3.33
N THR A 82 -6.71 6.97 3.87
CA THR A 82 -7.32 5.86 3.14
C THR A 82 -8.31 5.10 4.02
N VAL A 83 -9.47 4.77 3.46
CA VAL A 83 -10.46 3.98 4.20
C VAL A 83 -10.22 2.49 4.00
N ILE A 84 -10.08 1.80 5.13
CA ILE A 84 -9.79 0.38 5.18
C ILE A 84 -10.90 -0.29 5.97
N GLU A 85 -11.38 -1.39 5.44
CA GLU A 85 -12.50 -2.12 6.03
C GLU A 85 -12.22 -3.61 6.13
N ARG A 86 -12.70 -4.21 7.21
CA ARG A 86 -12.73 -5.67 7.35
C ARG A 86 -14.11 -6.10 7.87
N THR A 87 -14.66 -7.14 7.29
CA THR A 87 -16.02 -7.59 7.58
C THR A 87 -16.00 -8.98 8.25
N PHE A 88 -16.74 -9.09 9.36
CA PHE A 88 -16.74 -10.29 10.18
C PHE A 88 -18.16 -10.79 10.46
N HIS A 89 -18.28 -12.10 10.66
CA HIS A 89 -19.56 -12.73 10.97
C HIS A 89 -19.41 -13.74 12.11
N VAL A 90 -20.39 -13.79 13.00
CA VAL A 90 -20.44 -14.78 14.08
C VAL A 90 -21.76 -15.54 14.11
N GLU A 91 -21.84 -16.54 14.98
CA GLU A 91 -22.99 -17.45 15.00
C GLU A 91 -24.26 -16.90 15.67
N THR A 92 -24.09 -16.04 16.67
CA THR A 92 -25.22 -15.46 17.42
C THR A 92 -25.02 -13.97 17.73
N PRO A 93 -26.11 -13.26 18.08
CA PRO A 93 -26.03 -11.84 18.49
C PRO A 93 -25.30 -11.59 19.81
N GLU A 94 -25.36 -12.54 20.74
CA GLU A 94 -24.63 -12.41 22.01
C GLU A 94 -23.12 -12.50 21.77
N GLU A 95 -22.72 -13.37 20.85
CA GLU A 95 -21.32 -13.45 20.43
C GLU A 95 -20.83 -12.13 19.84
N ARG A 96 -21.63 -11.53 18.97
CA ARG A 96 -21.32 -10.23 18.37
C ARG A 96 -21.07 -9.17 19.44
N GLU A 97 -22.04 -8.98 20.33
CA GLU A 97 -21.92 -8.03 21.43
C GLU A 97 -20.68 -8.28 22.31
N GLU A 98 -20.28 -9.54 22.43
CA GLU A 98 -19.06 -9.88 23.15
C GLU A 98 -17.81 -9.34 22.41
N TRP A 99 -17.76 -9.54 21.10
CA TRP A 99 -16.65 -9.05 20.28
C TRP A 99 -16.65 -7.54 20.14
N THR A 100 -17.82 -6.98 19.86
CA THR A 100 -17.93 -5.54 19.60
C THR A 100 -17.64 -4.69 20.84
N THR A 101 -18.08 -5.17 22.01
CA THR A 101 -17.79 -4.49 23.26
C THR A 101 -16.30 -4.61 23.60
N ALA A 102 -15.72 -5.79 23.38
CA ALA A 102 -14.30 -6.03 23.61
C ALA A 102 -13.40 -5.18 22.68
N ILE A 103 -13.81 -5.05 21.42
CA ILE A 103 -13.09 -4.21 20.47
C ILE A 103 -13.25 -2.74 20.87
N GLN A 104 -14.48 -2.35 21.17
CA GLN A 104 -14.80 -0.97 21.55
C GLN A 104 -14.06 -0.51 22.81
N THR A 105 -13.95 -1.37 23.81
CA THR A 105 -13.28 -1.01 25.06
C THR A 105 -11.77 -0.91 24.87
N VAL A 106 -11.20 -1.81 24.07
CA VAL A 106 -9.76 -1.80 23.77
C VAL A 106 -9.34 -0.54 23.00
N ALA A 107 -10.25 -0.01 22.19
CA ALA A 107 -10.02 1.24 21.47
C ALA A 107 -9.94 2.40 22.46
N ASP A 108 -8.78 2.54 23.10
CA ASP A 108 -8.57 3.54 24.14
C ASP A 108 -7.34 4.38 23.83
N GLY A 109 -7.54 5.70 23.76
CA GLY A 109 -6.46 6.66 23.55
C GLY A 109 -6.76 7.98 24.27
N ARG A 144 -7.72 26.89 8.10
CA ARG A 144 -6.53 27.44 7.45
C ARG A 144 -6.79 27.68 5.96
N VAL A 145 -7.20 26.62 5.26
CA VAL A 145 -7.61 26.71 3.85
C VAL A 145 -8.97 26.07 3.62
N THR A 146 -9.55 26.38 2.46
CA THR A 146 -10.85 25.85 2.08
C THR A 146 -10.79 25.51 0.61
N MET A 147 -11.88 24.95 0.11
CA MET A 147 -12.06 24.65 -1.31
C MET A 147 -11.76 25.85 -2.20
N ASN A 148 -12.07 27.03 -1.66
CA ASN A 148 -11.94 28.30 -2.37
C ASN A 148 -10.49 28.65 -2.71
N GLU A 149 -9.55 28.11 -1.93
CA GLU A 149 -8.12 28.35 -2.12
C GLU A 149 -7.52 27.63 -3.34
N PHE A 150 -8.32 26.82 -4.03
CA PHE A 150 -7.78 25.95 -5.08
C PHE A 150 -8.57 26.03 -6.39
N GLU A 151 -7.88 25.83 -7.51
CA GLU A 151 -8.53 25.60 -8.79
C GLU A 151 -8.54 24.11 -9.11
N TYR A 152 -9.62 23.65 -9.73
CA TYR A 152 -9.82 22.22 -9.99
C TYR A 152 -9.66 21.93 -11.48
N LEU A 153 -8.61 21.16 -11.80
CA LEU A 153 -8.07 21.09 -13.15
C LEU A 153 -8.32 19.79 -13.90
N LYS A 154 -8.19 18.66 -13.20
CA LYS A 154 -8.23 17.35 -13.84
C LYS A 154 -8.52 16.27 -12.81
N LEU A 155 -9.40 15.34 -13.18
CA LEU A 155 -9.66 14.15 -12.38
C LEU A 155 -8.48 13.20 -12.51
N LEU A 156 -7.86 12.85 -11.38
CA LEU A 156 -6.75 11.90 -11.35
C LEU A 156 -7.17 10.49 -10.99
N GLY A 157 -8.25 10.37 -10.21
CA GLY A 157 -8.70 9.09 -9.75
C GLY A 157 -10.05 9.15 -9.06
N LYS A 158 -10.75 8.03 -9.10
CA LYS A 158 -12.08 7.96 -8.54
C LYS A 158 -12.28 6.56 -7.96
N GLY A 159 -12.96 6.49 -6.81
CA GLY A 159 -13.34 5.21 -6.20
C GLY A 159 -14.61 5.36 -5.40
N THR A 160 -15.00 4.30 -4.69
CA THR A 160 -16.25 4.31 -3.91
C THR A 160 -16.20 5.36 -2.80
N PHE A 161 -15.02 5.56 -2.23
CA PHE A 161 -14.87 6.48 -1.10
C PHE A 161 -14.65 7.93 -1.51
N GLY A 162 -14.34 8.17 -2.78
CA GLY A 162 -14.15 9.54 -3.23
C GLY A 162 -13.40 9.76 -4.53
N LYS A 163 -12.70 10.88 -4.60
CA LYS A 163 -12.03 11.34 -5.81
C LYS A 163 -10.66 11.90 -5.49
N VAL A 164 -9.75 11.82 -6.45
CA VAL A 164 -8.52 12.58 -6.39
C VAL A 164 -8.51 13.54 -7.59
N ILE A 165 -8.25 14.82 -7.30
CA ILE A 165 -8.29 15.87 -8.31
C ILE A 165 -6.96 16.61 -8.39
N LEU A 166 -6.45 16.79 -9.60
CA LEU A 166 -5.30 17.67 -9.83
C LEU A 166 -5.75 19.11 -9.55
N VAL A 167 -5.01 19.77 -8.68
CA VAL A 167 -5.42 21.05 -8.14
C VAL A 167 -4.27 22.03 -8.22
N LYS A 168 -4.59 23.33 -8.33
CA LYS A 168 -3.59 24.40 -8.33
C LYS A 168 -3.93 25.41 -7.24
N GLU A 169 -2.99 25.66 -6.33
CA GLU A 169 -3.21 26.62 -5.25
C GLU A 169 -3.06 28.05 -5.78
N LYS A 170 -4.15 28.83 -5.69
CA LYS A 170 -4.24 30.18 -6.28
C LYS A 170 -3.13 31.11 -5.80
N ALA A 171 -2.91 31.12 -4.49
CA ALA A 171 -1.94 32.01 -3.85
C ALA A 171 -0.46 31.80 -4.23
N THR A 172 -0.11 30.59 -4.69
CA THR A 172 1.30 30.23 -4.98
C THR A 172 1.55 29.73 -6.41
N GLY A 173 0.49 29.36 -7.11
CA GLY A 173 0.63 28.75 -8.44
C GLY A 173 1.12 27.31 -8.42
N ARG A 174 1.20 26.72 -7.22
CA ARG A 174 1.71 25.35 -7.04
C ARG A 174 0.65 24.27 -7.33
N TYR A 175 1.09 23.17 -7.93
CA TYR A 175 0.21 22.05 -8.24
C TYR A 175 0.23 20.97 -7.15
N TYR A 176 -0.96 20.52 -6.76
CA TYR A 176 -1.11 19.44 -5.78
C TYR A 176 -2.23 18.49 -6.21
N ALA A 177 -2.38 17.40 -5.46
CA ALA A 177 -3.49 16.49 -5.62
C ALA A 177 -4.38 16.62 -4.39
N MET A 178 -5.66 16.90 -4.60
CA MET A 178 -6.61 16.90 -3.51
C MET A 178 -7.37 15.59 -3.54
N LYS A 179 -7.28 14.86 -2.44
CA LYS A 179 -8.00 13.62 -2.25
C LYS A 179 -9.26 13.97 -1.46
N ILE A 180 -10.43 13.73 -2.07
CA ILE A 180 -11.70 14.15 -1.47
C ILE A 180 -12.57 12.96 -1.07
N LEU A 181 -12.64 12.69 0.22
CA LEU A 181 -13.41 11.55 0.72
C LEU A 181 -14.84 11.94 1.13
N LYS A 182 -15.80 11.08 0.77
CA LYS A 182 -17.22 11.32 1.07
C LYS A 182 -17.54 10.88 2.48
N LYS A 183 -18.00 11.83 3.30
CA LYS A 183 -18.34 11.55 4.68
C LYS A 183 -19.50 10.55 4.78
N GLU A 184 -20.45 10.67 3.85
CA GLU A 184 -21.62 9.80 3.78
C GLU A 184 -21.26 8.33 3.56
N VAL A 185 -20.12 8.08 2.90
CA VAL A 185 -19.64 6.71 2.66
C VAL A 185 -18.84 6.13 3.83
N ILE A 186 -18.16 6.99 4.59
CA ILE A 186 -17.41 6.56 5.78
C ILE A 186 -18.30 6.53 7.03
N VAL A 187 -19.31 7.40 7.04
CA VAL A 187 -20.28 7.58 8.15
C VAL A 187 -19.59 7.92 9.47
N VAL A 201 -5.35 16.09 12.75
CA VAL A 201 -4.32 16.03 13.79
C VAL A 201 -3.13 15.16 13.36
N LEU A 202 -2.51 15.51 12.23
CA LEU A 202 -1.54 14.63 11.55
C LEU A 202 -0.10 15.15 11.44
N GLN A 203 0.88 14.24 11.48
CA GLN A 203 2.28 14.58 11.37
C GLN A 203 2.94 13.77 10.25
N ASN A 204 3.49 14.45 9.26
CA ASN A 204 4.07 13.80 8.08
C ASN A 204 5.28 12.94 8.41
N SER A 205 5.48 11.90 7.60
CA SER A 205 6.76 11.16 7.60
C SER A 205 7.91 12.06 7.15
N ARG A 206 9.04 11.99 7.86
CA ARG A 206 10.25 12.72 7.45
C ARG A 206 11.08 11.86 6.48
N HIS A 207 10.48 11.56 5.34
CA HIS A 207 11.15 10.80 4.27
C HIS A 207 10.77 11.43 2.95
N PRO A 208 11.73 11.62 2.04
CA PRO A 208 11.52 12.36 0.80
C PRO A 208 10.69 11.68 -0.29
N PHE A 209 10.61 10.35 -0.28
CA PHE A 209 9.97 9.63 -1.39
C PHE A 209 8.53 9.17 -1.11
N LEU A 210 8.05 9.44 0.10
CA LEU A 210 6.64 9.25 0.42
C LEU A 210 5.85 10.49 0.02
N THR A 211 4.53 10.38 -0.07
CA THR A 211 3.67 11.51 -0.41
C THR A 211 3.30 12.32 0.84
N ALA A 212 3.83 13.54 0.94
CA ALA A 212 3.60 14.36 2.12
C ALA A 212 2.25 15.05 2.00
N LEU A 213 1.65 15.33 3.14
CA LEU A 213 0.35 15.99 3.19
C LEU A 213 0.60 17.48 3.40
N LYS A 214 0.10 18.33 2.51
CA LYS A 214 0.27 19.79 2.70
C LYS A 214 -0.84 20.37 3.56
N TYR A 215 -2.08 20.05 3.23
CA TYR A 215 -3.23 20.50 4.00
C TYR A 215 -4.21 19.38 4.29
N SER A 216 -4.92 19.54 5.39
CA SER A 216 -6.02 18.68 5.76
C SER A 216 -7.14 19.55 6.30
N PHE A 217 -8.32 19.47 5.69
CA PHE A 217 -9.50 20.18 6.17
C PHE A 217 -10.78 19.43 5.82
N GLN A 218 -11.92 20.05 6.12
CA GLN A 218 -13.19 19.35 6.04
C GLN A 218 -14.39 20.26 5.76
N THR A 219 -15.29 19.81 4.88
CA THR A 219 -16.61 20.45 4.73
C THR A 219 -17.66 19.58 5.40
N HIS A 220 -18.91 20.05 5.38
CA HIS A 220 -20.01 19.34 6.03
C HIS A 220 -20.17 17.90 5.54
N ASP A 221 -19.86 17.64 4.26
CA ASP A 221 -20.01 16.30 3.68
C ASP A 221 -18.70 15.68 3.15
N ARG A 222 -17.57 16.35 3.38
CA ARG A 222 -16.28 15.92 2.77
C ARG A 222 -15.07 16.08 3.66
N LEU A 223 -14.10 15.17 3.47
CA LEU A 223 -12.76 15.27 4.03
C LEU A 223 -11.79 15.46 2.89
N CYS A 224 -10.92 16.45 3.04
CA CYS A 224 -10.05 16.87 1.95
C CYS A 224 -8.59 16.82 2.39
N PHE A 225 -7.79 16.12 1.62
CA PHE A 225 -6.35 16.03 1.88
C PHE A 225 -5.64 16.59 0.66
N VAL A 226 -4.91 17.68 0.85
CA VAL A 226 -4.14 18.26 -0.25
C VAL A 226 -2.72 17.68 -0.13
N MET A 227 -2.30 16.92 -1.12
CA MET A 227 -1.02 16.19 -1.00
C MET A 227 -0.11 16.45 -2.19
N GLU A 228 1.17 16.23 -1.98
CA GLU A 228 2.17 16.33 -3.05
C GLU A 228 1.73 15.58 -4.28
N TYR A 229 2.04 16.16 -5.42
CA TYR A 229 1.83 15.49 -6.69
C TYR A 229 3.02 15.83 -7.56
N ALA A 230 3.79 14.80 -7.92
CA ALA A 230 5.03 14.97 -8.66
C ALA A 230 4.78 15.25 -10.13
N ASN A 231 5.53 16.18 -10.70
CA ASN A 231 5.28 16.59 -12.08
C ASN A 231 6.21 15.98 -13.15
N GLY A 232 6.98 14.96 -12.76
CA GLY A 232 7.93 14.31 -13.67
C GLY A 232 7.39 13.10 -14.43
N GLY A 233 6.08 12.86 -14.35
CA GLY A 233 5.47 11.73 -15.05
C GLY A 233 5.35 10.46 -14.23
N GLU A 234 4.46 9.57 -14.67
CA GLU A 234 4.27 8.28 -14.03
C GLU A 234 5.28 7.31 -14.58
N LEU A 235 5.86 6.47 -13.71
CA LEU A 235 6.83 5.45 -14.13
C LEU A 235 6.24 4.44 -15.10
N PHE A 236 4.94 4.19 -15.01
CA PHE A 236 4.30 3.30 -15.97
C PHE A 236 4.42 3.86 -17.38
N PHE A 237 4.33 5.18 -17.51
CA PHE A 237 4.48 5.85 -18.80
C PHE A 237 5.92 5.74 -19.32
N HIS A 238 6.89 6.10 -18.48
CA HIS A 238 8.31 6.02 -18.85
C HIS A 238 8.74 4.61 -19.25
N LEU A 239 8.31 3.59 -18.50
CA LEU A 239 8.62 2.19 -18.84
C LEU A 239 7.91 1.67 -20.09
N SER A 240 6.65 2.06 -20.29
CA SER A 240 5.91 1.73 -21.53
C SER A 240 6.66 2.16 -22.79
N ARG A 241 7.20 3.38 -22.77
CA ARG A 241 7.95 3.94 -23.88
C ARG A 241 9.31 3.26 -24.04
N GLU A 242 10.03 3.10 -22.93
CA GLU A 242 11.40 2.62 -22.95
C GLU A 242 11.49 1.11 -23.09
N ARG A 243 10.38 0.43 -22.79
CA ARG A 243 10.24 -1.03 -22.91
C ARG A 243 10.87 -1.77 -21.74
N VAL A 244 12.11 -1.41 -21.40
CA VAL A 244 12.82 -2.04 -20.28
C VAL A 244 13.81 -1.04 -19.67
N PHE A 245 14.01 -1.13 -18.36
CA PHE A 245 15.08 -0.36 -17.73
C PHE A 245 16.34 -1.23 -17.62
N SER A 246 17.50 -0.60 -17.66
CA SER A 246 18.76 -1.28 -17.36
C SER A 246 18.81 -1.62 -15.87
N GLU A 247 19.69 -2.55 -15.50
CA GLU A 247 19.81 -2.97 -14.11
C GLU A 247 20.19 -1.83 -13.18
N ASP A 248 21.01 -0.89 -13.66
CA ASP A 248 21.40 0.29 -12.90
C ASP A 248 20.25 1.31 -12.73
N ARG A 249 19.40 1.40 -13.76
CA ARG A 249 18.21 2.23 -13.72
C ARG A 249 17.30 1.65 -12.63
N ALA A 250 17.05 0.35 -12.72
CA ALA A 250 16.22 -0.35 -11.74
C ALA A 250 16.79 -0.32 -10.32
N ARG A 251 18.11 -0.44 -10.21
CA ARG A 251 18.79 -0.38 -8.91
C ARG A 251 18.47 0.95 -8.20
N PHE A 252 18.57 2.04 -8.96
CA PHE A 252 18.31 3.38 -8.43
C PHE A 252 16.86 3.53 -7.89
N TYR A 253 15.87 3.13 -8.69
CA TYR A 253 14.47 3.19 -8.24
C TYR A 253 14.21 2.23 -7.09
N GLY A 254 14.83 1.05 -7.15
CA GLY A 254 14.66 0.04 -6.11
C GLY A 254 15.21 0.49 -4.77
N ALA A 255 16.28 1.28 -4.82
CA ALA A 255 16.96 1.72 -3.62
C ALA A 255 16.11 2.79 -2.97
N GLU A 256 15.56 3.67 -3.80
CA GLU A 256 14.66 4.71 -3.30
C GLU A 256 13.38 4.09 -2.74
N ILE A 257 12.86 3.04 -3.37
CA ILE A 257 11.66 2.37 -2.81
C ILE A 257 11.98 1.71 -1.47
N VAL A 258 13.07 0.94 -1.42
CA VAL A 258 13.49 0.28 -0.16
C VAL A 258 13.66 1.27 1.00
N SER A 259 14.24 2.42 0.70
CA SER A 259 14.50 3.45 1.73
C SER A 259 13.20 4.00 2.32
N ALA A 260 12.24 4.30 1.44
CA ALA A 260 10.91 4.76 1.90
C ALA A 260 10.15 3.70 2.72
N LEU A 261 10.20 2.44 2.30
CA LEU A 261 9.45 1.38 2.95
C LEU A 261 10.09 0.96 4.28
N ASP A 262 11.41 0.97 4.32
CA ASP A 262 12.15 0.84 5.59
C ASP A 262 11.64 1.86 6.58
N TYR A 263 11.54 3.11 6.14
CA TYR A 263 10.99 4.19 6.98
C TYR A 263 9.56 3.89 7.48
N LEU A 264 8.64 3.53 6.57
CA LEU A 264 7.26 3.19 6.96
C LEU A 264 7.22 2.05 7.99
N HIS A 265 7.96 1.00 7.68
CA HIS A 265 8.00 -0.20 8.50
C HIS A 265 8.58 0.10 9.87
N SER A 266 9.66 0.88 9.88
CA SER A 266 10.50 1.04 11.07
C SER A 266 10.06 2.20 11.96
N GLU A 267 9.81 3.35 11.36
CA GLU A 267 9.43 4.54 12.10
C GLU A 267 7.93 4.64 12.34
N LYS A 268 7.14 4.09 11.42
CA LYS A 268 5.69 4.27 11.51
C LYS A 268 4.95 3.00 11.90
N ASN A 269 5.63 1.85 11.78
CA ASN A 269 5.02 0.52 12.02
C ASN A 269 3.81 0.29 11.08
N VAL A 270 4.05 0.62 9.81
CA VAL A 270 3.04 0.64 8.76
C VAL A 270 3.54 -0.17 7.54
N VAL A 271 2.70 -1.07 7.01
CA VAL A 271 2.96 -1.64 5.67
C VAL A 271 2.21 -0.85 4.63
N TYR A 272 2.83 -0.68 3.47
CA TYR A 272 2.21 0.05 2.37
C TYR A 272 1.14 -0.81 1.70
N ARG A 273 1.54 -1.98 1.21
CA ARG A 273 0.62 -3.00 0.69
C ARG A 273 0.08 -2.72 -0.72
N ASP A 274 0.60 -1.69 -1.37
CA ASP A 274 -0.04 -1.20 -2.59
C ASP A 274 1.04 -0.81 -3.59
N LEU A 275 2.21 -1.46 -3.46
CA LEU A 275 3.31 -1.20 -4.37
C LEU A 275 3.00 -1.75 -5.74
N LYS A 276 3.09 -0.88 -6.74
CA LYS A 276 2.90 -1.27 -8.13
C LYS A 276 3.41 -0.14 -9.00
N LEU A 277 3.67 -0.46 -10.27
CA LEU A 277 4.22 0.51 -11.21
C LEU A 277 3.35 1.78 -11.32
N GLU A 278 2.04 1.59 -11.30
CA GLU A 278 1.05 2.69 -11.37
C GLU A 278 1.19 3.69 -10.21
N ASN A 279 1.66 3.21 -9.05
CA ASN A 279 1.80 4.03 -7.84
C ASN A 279 3.17 4.69 -7.65
N LEU A 280 3.98 4.63 -8.71
CA LEU A 280 5.32 5.22 -8.72
C LEU A 280 5.40 6.33 -9.77
N MET A 281 5.77 7.51 -9.34
CA MET A 281 5.91 8.67 -10.22
C MET A 281 7.31 9.27 -10.03
N LEU A 282 7.72 10.13 -10.94
CA LEU A 282 9.02 10.81 -10.86
C LEU A 282 8.92 12.30 -10.48
N ASP A 283 9.88 12.74 -9.67
CA ASP A 283 10.21 14.15 -9.43
C ASP A 283 10.52 14.90 -10.71
N LYS A 284 10.52 16.22 -10.62
CA LYS A 284 11.14 17.06 -11.65
C LYS A 284 12.64 16.71 -11.77
N ASP A 285 13.24 16.33 -10.65
CA ASP A 285 14.64 15.92 -10.60
C ASP A 285 14.88 14.46 -11.01
N GLY A 286 13.82 13.66 -11.09
CA GLY A 286 13.93 12.26 -11.47
C GLY A 286 13.93 11.30 -10.29
N HIS A 287 13.79 11.84 -9.08
CA HIS A 287 13.59 11.01 -7.89
C HIS A 287 12.17 10.42 -7.81
N ILE A 288 12.04 9.37 -7.02
CA ILE A 288 10.81 8.61 -6.87
C ILE A 288 9.80 9.33 -5.97
N LYS A 289 8.53 9.20 -6.32
CA LYS A 289 7.46 9.55 -5.40
C LYS A 289 6.49 8.36 -5.30
N ILE A 290 6.29 7.85 -4.08
CA ILE A 290 5.32 6.78 -3.90
C ILE A 290 3.95 7.41 -3.56
N THR A 291 2.95 6.96 -4.30
CA THR A 291 1.69 7.64 -4.39
C THR A 291 0.71 7.23 -3.26
N ASP A 292 -0.24 8.11 -2.89
CA ASP A 292 -1.21 7.84 -1.82
C ASP A 292 -2.64 8.10 -2.30
N PHE A 293 -3.02 7.47 -3.40
CA PHE A 293 -4.32 7.78 -4.04
C PHE A 293 -5.42 6.70 -3.86
N GLY A 294 -5.32 5.89 -2.81
CA GLY A 294 -6.26 4.78 -2.63
C GLY A 294 -7.66 5.24 -2.29
N LEU A 295 -8.66 4.74 -3.04
CA LEU A 295 -10.07 5.14 -2.85
C LEU A 295 -11.04 3.95 -2.83
N CYS A 296 -10.48 2.76 -3.07
CA CYS A 296 -11.24 1.56 -3.36
C CYS A 296 -11.99 0.96 -2.17
N LYS A 297 -13.20 0.45 -2.44
CA LYS A 297 -14.01 -0.26 -1.44
C LYS A 297 -14.20 -1.74 -1.78
N GLU A 298 -13.84 -2.60 -0.82
CA GLU A 298 -13.94 -4.05 -1.02
C GLU A 298 -15.39 -4.54 -1.11
N GLY A 299 -15.66 -5.39 -2.08
CA GLY A 299 -16.96 -6.06 -2.17
C GLY A 299 -17.91 -5.57 -3.25
N ILE A 300 -17.57 -4.44 -3.86
CA ILE A 300 -18.38 -3.87 -4.95
C ILE A 300 -17.57 -3.68 -6.22
N LYS A 301 -18.22 -3.89 -7.36
CA LYS A 301 -17.62 -3.72 -8.69
C LYS A 301 -17.15 -2.28 -8.94
N LYS A 307 -13.98 -7.16 -11.30
CA LYS A 307 -13.22 -7.24 -10.05
C LYS A 307 -14.06 -6.70 -8.88
N THR A 308 -14.11 -7.47 -7.79
CA THR A 308 -14.86 -7.11 -6.59
C THR A 308 -13.92 -6.87 -5.40
N PHE A 309 -12.63 -7.09 -5.64
CA PHE A 309 -11.60 -6.91 -4.64
C PHE A 309 -10.79 -5.65 -4.95
N CYS A 310 -10.10 -5.14 -3.93
CA CYS A 310 -9.26 -3.95 -4.08
C CYS A 310 -7.79 -4.31 -4.25
N GLY A 311 -7.13 -3.60 -5.16
CA GLY A 311 -5.72 -3.82 -5.41
C GLY A 311 -5.50 -4.47 -6.76
N THR A 312 -4.27 -4.39 -7.24
CA THR A 312 -3.92 -5.00 -8.51
C THR A 312 -3.30 -6.37 -8.23
N PRO A 313 -4.06 -7.45 -8.55
CA PRO A 313 -3.70 -8.82 -8.15
C PRO A 313 -2.33 -9.28 -8.67
N GLU A 314 -1.91 -8.76 -9.82
CA GLU A 314 -0.59 -9.11 -10.37
C GLU A 314 0.54 -8.77 -9.41
N TYR A 315 0.29 -7.84 -8.48
CA TYR A 315 1.32 -7.41 -7.55
C TYR A 315 1.13 -7.99 -6.14
N LEU A 316 0.03 -8.71 -5.91
CA LEU A 316 -0.27 -9.17 -4.56
C LEU A 316 0.45 -10.45 -4.16
N ALA A 317 0.98 -10.43 -2.94
CA ALA A 317 1.72 -11.54 -2.36
C ALA A 317 0.81 -12.73 -2.15
N PRO A 318 1.36 -13.97 -2.21
CA PRO A 318 0.60 -15.20 -1.97
C PRO A 318 -0.14 -15.19 -0.64
N GLU A 319 0.51 -14.72 0.43
CA GLU A 319 -0.11 -14.72 1.76
C GLU A 319 -1.24 -13.69 1.90
N VAL A 320 -1.27 -12.66 1.05
CA VAL A 320 -2.41 -11.71 1.00
C VAL A 320 -3.58 -12.38 0.28
N LEU A 321 -3.28 -13.10 -0.79
CA LEU A 321 -4.26 -13.87 -1.54
C LEU A 321 -4.94 -14.91 -0.65
N GLU A 322 -4.13 -15.61 0.13
CA GLU A 322 -4.64 -16.68 1.02
C GLU A 322 -5.49 -16.06 2.12
N ASP A 323 -5.23 -14.78 2.41
CA ASP A 323 -5.97 -14.03 3.41
C ASP A 323 -5.70 -14.60 4.80
N ASN A 324 -4.44 -14.95 5.02
CA ASN A 324 -3.94 -15.27 6.35
C ASN A 324 -3.50 -13.98 7.02
N ASP A 325 -2.74 -14.13 8.09
CA ASP A 325 -1.98 -13.02 8.63
C ASP A 325 -0.86 -12.73 7.63
N TYR A 326 -0.46 -11.48 7.58
CA TYR A 326 0.70 -11.07 6.80
C TYR A 326 1.32 -9.84 7.44
N GLY A 327 2.50 -9.45 6.95
CA GLY A 327 3.22 -8.34 7.55
C GLY A 327 4.11 -7.62 6.56
N ARG A 328 5.23 -7.11 7.07
CA ARG A 328 6.17 -6.30 6.28
C ARG A 328 6.64 -6.95 5.00
N ALA A 329 6.77 -8.26 5.03
CA ALA A 329 7.26 -8.99 3.86
C ALA A 329 6.35 -8.87 2.62
N VAL A 330 5.08 -8.45 2.80
CA VAL A 330 4.22 -8.27 1.59
C VAL A 330 4.77 -7.13 0.75
N ASP A 331 5.40 -6.17 1.39
CA ASP A 331 5.99 -5.06 0.64
C ASP A 331 7.19 -5.49 -0.16
N TRP A 332 7.96 -6.45 0.37
CA TRP A 332 9.13 -6.96 -0.35
C TRP A 332 8.74 -7.83 -1.53
N TRP A 333 7.65 -8.58 -1.40
CA TRP A 333 7.10 -9.28 -2.57
C TRP A 333 6.70 -8.26 -3.63
N GLY A 334 6.06 -7.16 -3.21
CA GLY A 334 5.69 -6.11 -4.16
C GLY A 334 6.89 -5.47 -4.86
N LEU A 335 7.95 -5.24 -4.09
CA LEU A 335 9.18 -4.70 -4.64
C LEU A 335 9.74 -5.64 -5.70
N GLY A 336 9.65 -6.94 -5.43
CA GLY A 336 10.12 -7.96 -6.37
C GLY A 336 9.40 -7.89 -7.72
N VAL A 337 8.07 -7.82 -7.69
CA VAL A 337 7.28 -7.74 -8.92
C VAL A 337 7.66 -6.49 -9.67
N VAL A 338 7.70 -5.36 -8.95
CA VAL A 338 8.00 -4.07 -9.56
C VAL A 338 9.38 -4.09 -10.24
N MET A 339 10.41 -4.52 -9.51
CA MET A 339 11.76 -4.58 -10.08
C MET A 339 11.91 -5.63 -11.18
N TYR A 340 11.18 -6.74 -11.05
CA TYR A 340 11.15 -7.73 -12.11
C TYR A 340 10.62 -7.11 -13.40
N GLU A 341 9.54 -6.33 -13.28
CA GLU A 341 8.87 -5.67 -14.41
C GLU A 341 9.76 -4.62 -15.07
N MET A 342 10.44 -3.82 -14.26
CA MET A 342 11.41 -2.85 -14.77
C MET A 342 12.57 -3.52 -15.52
N MET A 343 12.97 -4.71 -15.07
CA MET A 343 14.20 -5.35 -15.59
C MET A 343 13.95 -6.37 -16.71
N CYS A 344 12.74 -6.92 -16.77
CA CYS A 344 12.38 -7.90 -17.80
C CYS A 344 11.39 -7.33 -18.82
N GLY A 345 10.75 -6.21 -18.48
CA GLY A 345 9.81 -5.54 -19.37
C GLY A 345 8.44 -6.18 -19.42
N ARG A 346 8.15 -7.02 -18.43
CA ARG A 346 6.92 -7.82 -18.37
C ARG A 346 6.74 -8.27 -16.92
N LEU A 347 5.51 -8.63 -16.59
CA LEU A 347 5.18 -9.10 -15.23
C LEU A 347 5.67 -10.53 -14.99
N PRO A 348 6.02 -10.88 -13.74
CA PRO A 348 6.44 -12.26 -13.49
C PRO A 348 5.26 -13.23 -13.56
N PHE A 349 4.10 -12.79 -13.10
CA PHE A 349 2.90 -13.59 -13.20
C PHE A 349 1.82 -12.80 -13.95
N TYR A 350 1.33 -13.38 -15.04
CA TYR A 350 0.23 -12.80 -15.79
C TYR A 350 -0.69 -13.84 -16.39
N ASN A 351 -1.99 -13.58 -16.23
CA ASN A 351 -3.03 -14.22 -17.03
C ASN A 351 -4.27 -13.33 -17.05
N GLN A 352 -5.00 -13.35 -18.17
CA GLN A 352 -6.24 -12.59 -18.37
C GLN A 352 -7.24 -12.85 -17.26
N ASP A 353 -7.36 -14.13 -16.91
CA ASP A 353 -8.35 -14.64 -15.99
C ASP A 353 -7.77 -14.59 -14.58
N HIS A 354 -8.50 -13.95 -13.66
CA HIS A 354 -8.02 -13.74 -12.29
C HIS A 354 -7.81 -15.01 -11.48
N GLU A 355 -8.69 -16.00 -11.65
CA GLU A 355 -8.55 -17.29 -10.96
C GLU A 355 -7.27 -18.01 -11.36
N LYS A 356 -6.95 -17.97 -12.65
CA LYS A 356 -5.73 -18.56 -13.17
C LYS A 356 -4.52 -17.74 -12.73
N LEU A 357 -4.68 -16.43 -12.62
CA LEU A 357 -3.58 -15.58 -12.15
C LEU A 357 -3.26 -15.91 -10.69
N PHE A 358 -4.31 -16.07 -9.88
CA PHE A 358 -4.14 -16.41 -8.48
C PHE A 358 -3.36 -17.73 -8.30
N GLU A 359 -3.74 -18.74 -9.07
CA GLU A 359 -3.07 -20.05 -9.08
C GLU A 359 -1.58 -19.92 -9.38
N LEU A 360 -1.26 -19.13 -10.40
CA LEU A 360 0.13 -18.88 -10.75
C LEU A 360 0.96 -18.26 -9.60
N ILE A 361 0.39 -17.26 -8.93
CA ILE A 361 1.04 -16.58 -7.79
C ILE A 361 1.26 -17.59 -6.68
N LEU A 362 0.26 -18.43 -6.44
CA LEU A 362 0.32 -19.38 -5.33
C LEU A 362 1.12 -20.67 -5.61
N MET A 363 1.21 -21.10 -6.87
CA MET A 363 1.66 -22.47 -7.17
C MET A 363 2.88 -22.55 -8.07
N GLU A 364 2.96 -21.66 -9.06
CA GLU A 364 3.99 -21.69 -10.07
C GLU A 364 5.29 -21.00 -9.64
N GLU A 365 6.41 -21.67 -9.88
CA GLU A 365 7.72 -21.03 -9.79
C GLU A 365 8.03 -20.21 -11.06
N ILE A 366 8.83 -19.17 -10.91
CA ILE A 366 9.17 -18.28 -12.01
C ILE A 366 10.25 -18.85 -12.92
N ARG A 367 10.13 -18.58 -14.22
CA ARG A 367 11.21 -18.84 -15.18
C ARG A 367 11.89 -17.50 -15.45
N PHE A 368 13.12 -17.34 -14.97
CA PHE A 368 13.84 -16.08 -15.11
C PHE A 368 14.54 -16.02 -16.46
N PRO A 369 14.40 -14.89 -17.18
CA PRO A 369 15.04 -14.71 -18.48
C PRO A 369 16.56 -14.80 -18.39
N ARG A 370 17.20 -15.27 -19.47
CA ARG A 370 18.65 -15.45 -19.49
C ARG A 370 19.42 -14.13 -19.57
N THR A 371 18.74 -13.07 -19.98
CA THR A 371 19.30 -11.71 -20.02
C THR A 371 19.71 -11.12 -18.65
N LEU A 372 19.20 -11.71 -17.57
CA LEU A 372 19.38 -11.16 -16.21
C LEU A 372 20.73 -11.58 -15.59
N GLY A 373 21.53 -10.61 -15.20
CA GLY A 373 22.77 -10.88 -14.45
C GLY A 373 22.51 -11.63 -13.16
N PRO A 374 23.54 -12.28 -12.58
CA PRO A 374 23.35 -13.13 -11.41
C PRO A 374 22.93 -12.40 -10.12
N GLU A 375 23.33 -11.13 -9.95
CA GLU A 375 22.93 -10.33 -8.78
C GLU A 375 21.42 -10.05 -8.78
N ALA A 376 20.93 -9.50 -9.90
CA ALA A 376 19.51 -9.26 -10.13
C ALA A 376 18.67 -10.51 -9.92
N LYS A 377 19.09 -11.63 -10.50
CA LYS A 377 18.35 -12.89 -10.39
C LYS A 377 18.29 -13.37 -8.94
N SER A 378 19.40 -13.24 -8.22
CA SER A 378 19.43 -13.62 -6.82
C SER A 378 18.45 -12.78 -6.00
N LEU A 379 18.48 -11.46 -6.21
CA LEU A 379 17.59 -10.52 -5.51
C LEU A 379 16.13 -10.81 -5.81
N LEU A 380 15.78 -10.90 -7.10
CA LEU A 380 14.40 -11.17 -7.50
C LEU A 380 13.90 -12.54 -6.99
N SER A 381 14.76 -13.57 -7.01
CA SER A 381 14.40 -14.90 -6.48
C SER A 381 14.19 -14.81 -4.99
N GLY A 382 15.04 -14.03 -4.30
CA GLY A 382 14.86 -13.77 -2.87
C GLY A 382 13.56 -13.04 -2.55
N LEU A 383 13.25 -11.99 -3.31
CA LEU A 383 12.06 -11.14 -3.02
C LEU A 383 10.73 -11.83 -3.35
N LEU A 384 10.79 -12.84 -4.23
CA LEU A 384 9.59 -13.49 -4.74
C LEU A 384 9.47 -14.93 -4.29
N LYS A 385 10.06 -15.24 -3.14
CA LYS A 385 9.78 -16.50 -2.46
C LYS A 385 8.37 -16.43 -1.88
N LYS A 386 7.64 -17.53 -2.02
CA LYS A 386 6.23 -17.58 -1.66
C LYS A 386 6.01 -17.57 -0.17
N ASP A 387 6.91 -18.24 0.55
CA ASP A 387 6.83 -18.30 1.99
C ASP A 387 7.50 -17.04 2.49
N PRO A 388 6.74 -16.15 3.13
CA PRO A 388 7.21 -14.85 3.61
C PRO A 388 8.35 -14.90 4.63
N LYS A 389 8.36 -15.92 5.49
CA LYS A 389 9.44 -16.09 6.47
C LYS A 389 10.76 -16.47 5.79
N GLN A 390 10.70 -17.05 4.59
CA GLN A 390 11.91 -17.35 3.83
C GLN A 390 12.36 -16.23 2.87
N ARG A 391 11.40 -15.37 2.50
CA ARG A 391 11.61 -14.28 1.52
C ARG A 391 12.68 -13.31 1.96
N LEU A 392 13.41 -12.73 0.99
CA LEU A 392 14.34 -11.67 1.29
C LEU A 392 13.63 -10.48 1.97
N GLY A 393 14.09 -10.15 3.18
CA GLY A 393 13.54 -9.05 3.95
C GLY A 393 12.50 -9.52 4.94
N GLY A 394 12.17 -10.81 4.87
CA GLY A 394 11.10 -11.39 5.67
C GLY A 394 11.44 -11.75 7.10
N GLY A 395 12.72 -11.69 7.46
CA GLY A 395 13.13 -11.98 8.81
C GLY A 395 13.03 -10.77 9.73
N SER A 396 13.66 -10.90 10.90
CA SER A 396 13.62 -9.88 11.94
C SER A 396 14.31 -8.57 11.51
N GLU A 397 15.26 -8.71 10.60
CA GLU A 397 16.05 -7.61 10.05
C GLU A 397 15.27 -6.71 9.08
N ASP A 398 14.19 -7.26 8.50
CA ASP A 398 13.36 -6.52 7.53
C ASP A 398 14.22 -5.93 6.40
N ALA A 399 14.12 -4.62 6.18
CA ALA A 399 14.78 -3.98 5.03
C ALA A 399 16.30 -4.14 4.97
N LYS A 400 16.95 -4.26 6.12
CA LYS A 400 18.41 -4.42 6.21
C LYS A 400 18.93 -5.58 5.38
N GLU A 401 18.19 -6.69 5.40
CA GLU A 401 18.47 -7.87 4.57
C GLU A 401 18.58 -7.49 3.09
N ILE A 402 17.69 -6.61 2.64
CA ILE A 402 17.69 -6.19 1.24
C ILE A 402 18.80 -5.16 0.99
N MET A 403 18.98 -4.24 1.94
CA MET A 403 19.99 -3.19 1.82
C MET A 403 21.42 -3.76 1.68
N GLN A 404 21.68 -4.89 2.35
CA GLN A 404 23.01 -5.52 2.24
C GLN A 404 23.10 -6.69 1.24
N HIS A 405 22.02 -6.91 0.49
CA HIS A 405 22.12 -7.84 -0.64
C HIS A 405 23.10 -7.26 -1.65
N ARG A 406 23.77 -8.17 -2.36
CA ARG A 406 24.84 -7.88 -3.31
C ARG A 406 24.44 -6.97 -4.47
N PHE A 407 23.17 -7.05 -4.87
CA PHE A 407 22.65 -6.21 -5.96
C PHE A 407 22.82 -4.75 -5.62
N PHE A 408 22.73 -4.42 -4.33
CA PHE A 408 22.92 -3.02 -3.92
C PHE A 408 24.32 -2.70 -3.39
N ALA A 409 25.33 -3.46 -3.83
CA ALA A 409 26.72 -3.21 -3.43
C ALA A 409 27.17 -1.82 -3.85
N GLY A 410 27.65 -1.04 -2.88
CA GLY A 410 28.12 0.31 -3.17
C GLY A 410 27.16 1.40 -2.72
N ILE A 411 25.89 1.06 -2.55
CA ILE A 411 24.88 2.06 -2.19
C ILE A 411 25.08 2.56 -0.77
N VAL A 412 25.17 3.87 -0.60
CA VAL A 412 25.22 4.46 0.73
C VAL A 412 23.80 4.91 1.08
N TRP A 413 23.22 4.23 2.07
CA TRP A 413 21.78 4.33 2.35
C TRP A 413 21.37 5.65 3.00
N GLN A 414 22.29 6.26 3.73
CA GLN A 414 22.07 7.62 4.22
C GLN A 414 22.01 8.57 3.04
N HIS A 415 22.83 8.33 2.02
CA HIS A 415 22.85 9.19 0.83
C HIS A 415 21.53 9.07 0.04
N VAL A 416 20.96 7.86 -0.01
CA VAL A 416 19.65 7.64 -0.65
C VAL A 416 18.59 8.46 0.07
N TYR A 417 18.53 8.30 1.37
CA TYR A 417 17.64 9.06 2.23
C TYR A 417 17.76 10.58 2.05
N GLU A 418 18.96 11.06 1.72
CA GLU A 418 19.23 12.49 1.60
C GLU A 418 19.16 12.98 0.15
N LYS A 419 18.66 12.12 -0.74
CA LYS A 419 18.52 12.40 -2.18
C LYS A 419 19.85 12.66 -2.87
N LYS A 420 20.93 12.11 -2.32
CA LYS A 420 22.27 12.35 -2.89
C LYS A 420 22.63 11.42 -4.04
N LEU A 421 21.85 10.36 -4.21
CA LEU A 421 22.05 9.44 -5.33
C LEU A 421 21.62 10.15 -6.61
N SER A 422 22.44 10.08 -7.65
CA SER A 422 22.19 10.84 -8.88
C SER A 422 21.28 10.05 -9.81
N PRO A 423 20.14 10.67 -10.21
CA PRO A 423 19.17 9.98 -11.05
C PRO A 423 19.71 9.65 -12.43
N PRO A 424 19.47 8.42 -12.91
CA PRO A 424 19.92 8.00 -14.24
C PRO A 424 19.10 8.66 -15.33
N PHE A 425 17.98 9.27 -14.94
CA PHE A 425 17.03 9.86 -15.88
C PHE A 425 16.42 11.10 -15.27
N LYS A 426 16.46 12.20 -16.02
CA LYS A 426 15.79 13.44 -15.64
C LYS A 426 14.66 13.70 -16.61
N PRO A 427 13.41 13.84 -16.11
CA PRO A 427 12.28 14.13 -17.01
C PRO A 427 12.37 15.55 -17.58
N GLN A 428 11.78 15.76 -18.74
CA GLN A 428 11.87 17.06 -19.43
C GLN A 428 10.98 18.13 -18.79
N VAL A 429 11.47 18.73 -17.70
CA VAL A 429 10.71 19.74 -16.97
C VAL A 429 11.64 20.81 -16.38
N THR A 430 11.29 22.08 -16.61
CA THR A 430 12.13 23.21 -16.21
C THR A 430 11.90 23.66 -14.76
N SER A 431 10.68 23.45 -14.26
CA SER A 431 10.32 23.85 -12.91
C SER A 431 9.26 22.94 -12.32
N GLU A 432 9.06 23.05 -11.01
CA GLU A 432 8.00 22.35 -10.30
C GLU A 432 6.61 22.80 -10.75
N THR A 433 6.56 23.81 -11.62
CA THR A 433 5.30 24.35 -12.14
C THR A 433 5.07 24.00 -13.60
N ASP A 434 5.92 23.12 -14.14
CA ASP A 434 5.81 22.67 -15.53
C ASP A 434 4.71 21.61 -15.69
N THR A 435 3.71 21.91 -16.53
CA THR A 435 2.53 21.05 -16.71
C THR A 435 2.68 20.02 -17.83
N ARG A 436 3.86 19.95 -18.44
CA ARG A 436 4.11 19.04 -19.56
C ARG A 436 3.59 17.63 -19.33
N TYR A 437 3.87 17.05 -18.17
CA TYR A 437 3.45 15.68 -17.88
C TYR A 437 2.00 15.52 -17.45
N PHE A 438 1.35 16.62 -17.06
CA PHE A 438 -0.07 16.57 -16.68
C PHE A 438 -0.97 16.40 -17.90
O1 0R4 B . -4.06 6.95 10.60
C21 0R4 B . -4.17 6.15 11.54
C22 0R4 B . -4.91 6.52 12.80
N5 0R4 B . -3.67 4.90 11.55
C17 0R4 B . -2.92 4.32 10.57
C18 0R4 B . -3.01 2.93 10.37
C19 0R4 B . -2.24 2.33 9.35
C20 0R4 B . -1.38 3.10 8.56
C16 0R4 B . -2.06 5.07 9.77
C15 0R4 B . -1.29 4.48 8.76
C3 0R4 B . -0.37 5.29 7.91
C2 0R4 B . 0.38 6.37 8.42
C1 0R4 B . 1.24 7.11 7.60
N1 0R4 B . -0.27 4.97 6.60
C5 0R4 B . 0.54 5.66 5.77
C4 0R4 B . 1.35 6.79 6.24
N2 0R4 B . 2.05 7.25 5.16
C6 0R4 B . 1.75 6.50 4.07
C23 0R4 B . 2.27 6.68 2.68
C24 0R4 B . 2.52 8.05 2.14
N7 0R4 B . 2.27 9.17 2.88
N6 0R4 B . 3.00 8.16 0.89
C25 0R4 B . 3.25 7.09 0.10
C26 0R4 B . 3.03 5.77 0.57
C27 0R4 B . 2.55 5.57 1.86
N3 0R4 B . 0.87 5.56 4.49
C7 0R4 B . 0.22 4.65 3.73
C8 0R4 B . -0.45 5.05 2.56
C9 0R4 B . -1.19 4.18 1.75
C12 0R4 B . 0.06 3.30 4.08
C11 0R4 B . -0.69 2.41 3.31
C10 0R4 B . -1.32 2.85 2.14
C13 0R4 B . -2.12 1.91 1.26
N4 0R4 B . -2.91 1.01 2.10
C14 0R4 B . -3.33 -0.12 1.58
O2 0R4 B . -3.34 -0.27 0.37
C28 0R4 B . -3.79 -1.26 2.43
C33 0R4 B . -3.15 -1.59 3.63
C29 0R4 B . -4.87 -2.02 1.98
C30 0R4 B . -5.34 -3.09 2.73
C31 0R4 B . -4.70 -3.43 3.93
C32 0R4 B . -3.62 -2.68 4.37
F1 0R4 B . -3.04 -3.03 5.54
C1 SBT C . -14.80 19.47 -9.07
C2 SBT C . -14.88 19.57 -7.56
C3 SBT C . -15.86 20.66 -7.13
C4 SBT C . -15.17 21.78 -6.40
OH SBT C . -15.30 18.31 -7.02
C1 EDO D . -17.29 18.95 -2.40
O1 EDO D . -17.84 20.19 -1.95
C2 EDO D . -17.08 18.97 -3.90
O2 EDO D . -16.22 17.89 -4.31
#